data_4JZV
#
_entry.id   4JZV
#
_cell.length_a   62.158
_cell.length_b   138.025
_cell.length_c   35.684
_cell.angle_alpha   90.00
_cell.angle_beta   90.00
_cell.angle_gamma   90.00
#
_symmetry.space_group_name_H-M   'P 21 21 2'
#
loop_
_entity.id
_entity.type
_entity.pdbx_description
1 polymer 'RNA PYROPHOSPHOHYDROLASE'
2 polymer "RNA (5'-R(*(GCP)P*G)-3')"
3 non-polymer 'MAGNESIUM ION'
4 non-polymer '4-(2-HYDROXYETHYL)-1-PIPERAZINE ETHANESULFONIC ACID'
5 water water
#
loop_
_entity_poly.entity_id
_entity_poly.type
_entity_poly.pdbx_seq_one_letter_code
_entity_poly.pdbx_strand_id
1 'polypeptide(L)'
;MYEFKDYYQNTVQLSFDDQPFSDSPKHVWVICRFGGKWLLTEHEDRGYEFPGGKVEPMECAEEAALREVKEETGARVKSL
KYLGQYKVLGKEKVIVKNIYFADIEKLEKQADYFETKGPVLFHELPENLSRNKKFSFIMKDSVLPISLKKLKESGWIE
;
A,B
2 'polyribonucleotide' (GCP)G C
#
loop_
_chem_comp.id
_chem_comp.type
_chem_comp.name
_chem_comp.formula
EPE non-polymer '4-(2-HYDROXYETHYL)-1-PIPERAZINE ETHANESULFONIC ACID' 'C8 H18 N2 O4 S'
G RNA linking GUANOSINE-5'-MONOPHOSPHATE 'C10 H14 N5 O8 P'
GCP non-polymer 'PHOSPHOMETHYLPHOSPHONIC ACID GUANYLATE ESTER' 'C11 H18 N5 O13 P3'
MG non-polymer 'MAGNESIUM ION' 'Mg 2'
#
# COMPACT_ATOMS: atom_id res chain seq x y z
N MET A 1 -12.18 -26.82 7.01
CA MET A 1 -11.16 -26.06 7.73
C MET A 1 -10.30 -26.94 8.66
N TYR A 2 -9.10 -26.45 9.00
CA TYR A 2 -8.15 -27.12 9.89
C TYR A 2 -8.26 -26.57 11.31
N GLU A 3 -8.23 -27.46 12.31
CA GLU A 3 -8.30 -27.08 13.73
C GLU A 3 -7.19 -27.77 14.52
N PHE A 4 -6.43 -26.97 15.28
CA PHE A 4 -5.29 -27.41 16.09
C PHE A 4 -4.99 -26.41 17.21
N LYS A 5 -4.04 -26.76 18.10
CA LYS A 5 -3.59 -25.92 19.21
C LYS A 5 -2.22 -25.32 18.87
N ASP A 6 -2.00 -24.05 19.26
CA ASP A 6 -0.72 -23.37 19.00
C ASP A 6 0.35 -23.72 20.04
N TYR A 7 1.48 -22.97 20.05
CA TYR A 7 2.58 -23.16 20.98
C TYR A 7 2.18 -22.90 22.43
N TYR A 8 1.29 -21.92 22.67
CA TYR A 8 0.77 -21.58 24.00
C TYR A 8 -0.60 -22.23 24.30
N GLN A 9 -0.87 -23.37 23.62
CA GLN A 9 -2.08 -24.21 23.74
C GLN A 9 -3.43 -23.57 23.37
N ASN A 10 -3.41 -22.39 22.74
CA ASN A 10 -4.61 -21.69 22.28
C ASN A 10 -5.11 -22.34 20.99
N THR A 11 -6.44 -22.46 20.83
CA THR A 11 -7.04 -23.08 19.65
C THR A 11 -6.94 -22.16 18.43
N VAL A 12 -6.52 -22.73 17.29
CA VAL A 12 -6.38 -22.04 16.01
C VAL A 12 -7.27 -22.73 14.97
N GLN A 13 -8.03 -21.93 14.19
CA GLN A 13 -8.90 -22.40 13.13
C GLN A 13 -8.36 -21.84 11.82
N LEU A 14 -7.88 -22.72 10.93
CA LEU A 14 -7.25 -22.35 9.66
C LEU A 14 -8.09 -22.72 8.44
N SER A 15 -8.32 -21.74 7.55
CA SER A 15 -9.10 -21.89 6.32
C SER A 15 -8.40 -21.23 5.13
N PHE A 16 -8.63 -21.78 3.92
CA PHE A 16 -8.04 -21.25 2.68
C PHE A 16 -9.07 -20.62 1.74
N ASP A 17 -10.32 -20.43 2.24
CA ASP A 17 -11.42 -19.78 1.53
C ASP A 17 -11.30 -18.25 1.69
N ASP A 18 -12.03 -17.48 0.87
CA ASP A 18 -11.99 -16.02 0.91
C ASP A 18 -12.71 -15.41 2.13
N GLN A 19 -11.91 -14.93 3.11
CA GLN A 19 -12.32 -14.31 4.37
C GLN A 19 -13.56 -14.94 5.05
N PRO A 20 -13.49 -16.23 5.51
CA PRO A 20 -14.68 -16.83 6.13
C PRO A 20 -14.95 -16.42 7.57
N PHE A 21 -13.90 -16.11 8.35
CA PHE A 21 -14.02 -15.74 9.76
C PHE A 21 -14.44 -14.29 9.98
N SER A 22 -13.80 -13.32 9.30
CA SER A 22 -14.13 -11.90 9.43
C SER A 22 -14.02 -11.13 8.11
N ASP A 23 -14.94 -10.16 7.92
CA ASP A 23 -15.01 -9.28 6.75
C ASP A 23 -13.84 -8.29 6.79
N SER A 24 -13.45 -7.85 8.00
CA SER A 24 -12.35 -6.90 8.22
C SER A 24 -11.32 -7.46 9.23
N PRO A 25 -10.28 -8.19 8.77
CA PRO A 25 -9.28 -8.70 9.72
C PRO A 25 -8.35 -7.59 10.22
N LYS A 26 -8.02 -7.62 11.53
CA LYS A 26 -7.17 -6.60 12.17
C LYS A 26 -5.68 -6.98 12.17
N HIS A 27 -5.34 -8.20 11.70
CA HIS A 27 -3.97 -8.70 11.64
C HIS A 27 -3.66 -9.34 10.29
N VAL A 28 -2.39 -9.27 9.86
CA VAL A 28 -1.89 -9.84 8.59
C VAL A 28 -0.60 -10.63 8.80
N TRP A 29 -0.38 -11.65 7.97
CA TRP A 29 0.83 -12.48 7.99
C TRP A 29 1.27 -12.71 6.55
N VAL A 30 2.52 -12.35 6.24
CA VAL A 30 3.06 -12.44 4.87
C VAL A 30 4.21 -13.43 4.72
N ILE A 31 3.99 -14.49 3.94
CA ILE A 31 5.02 -15.50 3.62
C ILE A 31 5.79 -14.93 2.43
N CYS A 32 7.06 -14.57 2.66
CA CYS A 32 7.91 -13.94 1.65
C CYS A 32 8.96 -14.85 1.06
N ARG A 33 9.13 -14.77 -0.26
CA ARG A 33 10.11 -15.53 -1.03
C ARG A 33 10.92 -14.56 -1.91
N PHE A 34 12.24 -14.54 -1.73
CA PHE A 34 13.17 -13.71 -2.48
C PHE A 34 14.12 -14.63 -3.26
N GLY A 35 13.80 -14.85 -4.52
CA GLY A 35 14.52 -15.75 -5.40
C GLY A 35 14.22 -17.19 -5.01
N GLY A 36 15.25 -17.90 -4.58
CA GLY A 36 15.14 -19.27 -4.11
C GLY A 36 15.24 -19.39 -2.60
N LYS A 37 15.15 -18.25 -1.90
CA LYS A 37 15.25 -18.15 -0.45
C LYS A 37 14.01 -17.58 0.22
N TRP A 38 13.79 -17.95 1.50
CA TRP A 38 12.69 -17.46 2.31
C TRP A 38 13.10 -16.14 2.98
N LEU A 39 12.24 -15.12 2.89
CA LEU A 39 12.52 -13.83 3.51
C LEU A 39 11.78 -13.71 4.83
N LEU A 40 12.56 -13.67 5.91
CA LEU A 40 12.06 -13.56 7.27
C LEU A 40 12.55 -12.27 7.91
N THR A 41 12.02 -11.95 9.09
CA THR A 41 12.41 -10.81 9.90
C THR A 41 12.73 -11.30 11.31
N GLU A 42 13.62 -10.61 12.02
CA GLU A 42 13.95 -11.01 13.38
C GLU A 42 13.32 -10.03 14.36
N HIS A 43 12.22 -10.47 15.02
CA HIS A 43 11.54 -9.67 16.03
C HIS A 43 12.42 -9.63 17.28
N GLU A 44 12.64 -8.42 17.82
CA GLU A 44 13.49 -8.17 18.99
C GLU A 44 13.12 -8.94 20.27
N ASP A 45 11.84 -9.35 20.39
CA ASP A 45 11.33 -10.10 21.54
C ASP A 45 10.96 -11.54 21.21
N ARG A 46 10.44 -11.79 19.99
CA ARG A 46 9.99 -13.12 19.55
C ARG A 46 11.04 -13.96 18.82
N GLY A 47 11.81 -13.34 17.94
CA GLY A 47 12.82 -14.01 17.13
C GLY A 47 12.48 -14.07 15.66
N TYR A 48 13.00 -15.08 14.93
CA TYR A 48 12.77 -15.25 13.50
C TYR A 48 11.31 -15.61 13.18
N GLU A 49 10.70 -14.86 12.25
CA GLU A 49 9.31 -15.03 11.79
C GLU A 49 9.09 -14.34 10.45
N PHE A 50 8.05 -14.76 9.72
CA PHE A 50 7.67 -14.14 8.46
C PHE A 50 7.06 -12.75 8.77
N PRO A 51 7.25 -11.72 7.90
CA PRO A 51 6.69 -10.39 8.21
C PRO A 51 5.17 -10.36 8.36
N GLY A 52 4.70 -9.48 9.24
CA GLY A 52 3.29 -9.30 9.54
C GLY A 52 3.06 -8.35 10.69
N GLY A 53 1.79 -8.06 10.98
CA GLY A 53 1.41 -7.15 12.05
C GLY A 53 -0.03 -6.68 12.00
N LYS A 54 -0.34 -5.64 12.78
CA LYS A 54 -1.67 -5.03 12.90
C LYS A 54 -2.06 -4.17 11.71
N VAL A 55 -3.37 -4.15 11.38
CA VAL A 55 -3.95 -3.37 10.29
C VAL A 55 -4.35 -1.99 10.86
N GLU A 56 -3.87 -0.91 10.22
CA GLU A 56 -4.17 0.49 10.61
C GLU A 56 -5.65 0.83 10.32
N PRO A 57 -6.29 1.78 11.08
CA PRO A 57 -7.72 2.07 10.85
C PRO A 57 -8.14 2.49 9.44
N MET A 58 -7.41 3.44 8.82
CA MET A 58 -7.71 3.94 7.47
C MET A 58 -7.25 2.96 6.38
N GLU A 59 -6.39 2.00 6.76
CA GLU A 59 -5.78 0.99 5.89
C GLU A 59 -6.58 -0.32 5.81
N CYS A 60 -6.43 -1.05 4.70
CA CYS A 60 -7.05 -2.36 4.47
C CYS A 60 -5.97 -3.45 4.62
N ALA A 61 -6.39 -4.73 4.78
CA ALA A 61 -5.51 -5.89 4.97
C ALA A 61 -4.42 -6.07 3.90
N GLU A 62 -4.75 -5.81 2.62
CA GLU A 62 -3.80 -5.92 1.50
C GLU A 62 -2.72 -4.84 1.56
N GLU A 63 -3.12 -3.59 1.87
CA GLU A 63 -2.20 -2.45 2.00
C GLU A 63 -1.33 -2.58 3.27
N ALA A 64 -1.88 -3.20 4.34
CA ALA A 64 -1.18 -3.44 5.60
C ALA A 64 -0.08 -4.49 5.42
N ALA A 65 -0.34 -5.50 4.54
CA ALA A 65 0.60 -6.58 4.21
C ALA A 65 1.85 -6.01 3.54
N LEU A 66 1.67 -5.12 2.53
CA LEU A 66 2.75 -4.46 1.80
C LEU A 66 3.56 -3.56 2.73
N ARG A 67 2.87 -2.81 3.61
CA ARG A 67 3.46 -1.90 4.58
C ARG A 67 4.34 -2.65 5.61
N GLU A 68 3.83 -3.77 6.16
CA GLU A 68 4.55 -4.58 7.14
C GLU A 68 5.80 -5.25 6.57
N VAL A 69 5.77 -5.62 5.27
CA VAL A 69 6.91 -6.23 4.57
C VAL A 69 8.03 -5.19 4.44
N LYS A 70 7.68 -3.97 3.97
CA LYS A 70 8.59 -2.82 3.81
C LYS A 70 9.22 -2.42 5.15
N GLU A 71 8.40 -2.32 6.21
CA GLU A 71 8.83 -1.93 7.55
C GLU A 71 9.80 -2.92 8.22
N GLU A 72 9.48 -4.22 8.14
CA GLU A 72 10.24 -5.29 8.81
C GLU A 72 11.41 -5.89 8.03
N THR A 73 11.43 -5.77 6.68
CA THR A 73 12.51 -6.34 5.86
C THR A 73 13.15 -5.37 4.86
N GLY A 74 12.49 -4.24 4.60
CA GLY A 74 12.96 -3.24 3.64
C GLY A 74 12.81 -3.72 2.20
N ALA A 75 11.93 -4.71 1.99
CA ALA A 75 11.68 -5.37 0.72
C ALA A 75 10.62 -4.68 -0.14
N ARG A 76 10.80 -4.81 -1.46
CA ARG A 76 9.89 -4.31 -2.49
C ARG A 76 9.16 -5.55 -3.03
N VAL A 77 7.83 -5.55 -2.92
CA VAL A 77 6.98 -6.66 -3.35
C VAL A 77 6.72 -6.60 -4.87
N LYS A 78 6.99 -7.73 -5.56
CA LYS A 78 6.76 -7.89 -6.99
C LYS A 78 5.28 -8.23 -7.23
N SER A 79 4.74 -9.17 -6.42
CA SER A 79 3.33 -9.59 -6.47
C SER A 79 2.87 -10.08 -5.09
N LEU A 80 1.66 -9.66 -4.67
CA LEU A 80 1.05 -10.04 -3.40
C LEU A 80 -0.25 -10.80 -3.68
N LYS A 81 -0.37 -12.02 -3.13
CA LYS A 81 -1.52 -12.89 -3.34
C LYS A 81 -2.09 -13.42 -2.02
N TYR A 82 -3.42 -13.36 -1.88
CA TYR A 82 -4.15 -13.86 -0.71
C TYR A 82 -4.10 -15.39 -0.72
N LEU A 83 -3.68 -16.00 0.42
CA LEU A 83 -3.58 -17.46 0.54
C LEU A 83 -4.74 -18.01 1.38
N GLY A 84 -4.92 -17.48 2.58
CA GLY A 84 -5.98 -17.89 3.49
C GLY A 84 -6.18 -16.96 4.67
N GLN A 85 -6.89 -17.46 5.69
CA GLN A 85 -7.23 -16.72 6.90
C GLN A 85 -7.24 -17.66 8.09
N TYR A 86 -6.80 -17.17 9.26
CA TYR A 86 -6.84 -17.94 10.49
C TYR A 86 -7.31 -17.17 11.71
N LYS A 87 -8.09 -17.85 12.55
CA LYS A 87 -8.65 -17.30 13.78
C LYS A 87 -7.91 -17.90 14.97
N VAL A 88 -7.44 -17.04 15.89
CA VAL A 88 -6.75 -17.47 17.11
C VAL A 88 -7.68 -17.28 18.29
N LEU A 89 -8.15 -18.39 18.87
CA LEU A 89 -9.06 -18.40 20.01
C LEU A 89 -8.23 -18.30 21.30
N GLY A 90 -7.93 -17.06 21.68
CA GLY A 90 -7.13 -16.74 22.86
C GLY A 90 -7.88 -16.78 24.17
N LYS A 91 -7.15 -16.60 25.28
CA LYS A 91 -7.69 -16.61 26.64
C LYS A 91 -8.53 -15.38 26.97
N GLU A 92 -8.20 -14.21 26.39
CA GLU A 92 -8.90 -12.95 26.65
C GLU A 92 -9.40 -12.24 25.38
N LYS A 93 -8.77 -12.52 24.22
CA LYS A 93 -9.14 -11.89 22.94
C LYS A 93 -9.05 -12.88 21.77
N VAL A 94 -9.97 -12.72 20.80
CA VAL A 94 -9.99 -13.53 19.57
C VAL A 94 -9.52 -12.67 18.40
N ILE A 95 -8.46 -13.12 17.70
CA ILE A 95 -7.89 -12.37 16.58
C ILE A 95 -8.04 -13.09 15.25
N VAL A 96 -8.27 -12.32 14.18
CA VAL A 96 -8.41 -12.82 12.81
C VAL A 96 -7.19 -12.35 12.01
N LYS A 97 -6.40 -13.30 11.49
CA LYS A 97 -5.17 -13.03 10.75
C LYS A 97 -5.23 -13.54 9.31
N ASN A 98 -5.01 -12.62 8.35
CA ASN A 98 -4.99 -12.92 6.91
C ASN A 98 -3.60 -13.37 6.48
N ILE A 99 -3.53 -14.46 5.69
CA ILE A 99 -2.26 -14.97 5.18
C ILE A 99 -2.10 -14.51 3.73
N TYR A 100 -0.94 -13.93 3.42
CA TYR A 100 -0.59 -13.46 2.09
C TYR A 100 0.73 -14.08 1.67
N PHE A 101 0.89 -14.32 0.37
CA PHE A 101 2.13 -14.79 -0.20
C PHE A 101 2.72 -13.66 -1.02
N ALA A 102 4.00 -13.35 -0.79
CA ALA A 102 4.65 -12.27 -1.52
C ALA A 102 5.93 -12.71 -2.19
N ASP A 103 6.04 -12.46 -3.51
CA ASP A 103 7.24 -12.71 -4.28
C ASP A 103 8.00 -11.41 -4.22
N ILE A 104 9.23 -11.45 -3.69
CA ILE A 104 10.08 -10.27 -3.47
C ILE A 104 10.95 -9.96 -4.68
N GLU A 105 10.90 -8.70 -5.14
CA GLU A 105 11.67 -8.19 -6.27
C GLU A 105 13.09 -7.79 -5.80
N LYS A 106 13.18 -6.97 -4.74
CA LYS A 106 14.44 -6.49 -4.18
C LYS A 106 14.37 -6.12 -2.70
N LEU A 107 15.54 -6.06 -2.05
CA LEU A 107 15.70 -5.69 -0.64
C LEU A 107 16.46 -4.36 -0.61
N GLU A 108 15.81 -3.28 -0.19
CA GLU A 108 16.42 -1.95 -0.13
C GLU A 108 16.83 -1.62 1.31
N LYS A 109 17.99 -0.97 1.48
CA LYS A 109 18.48 -0.61 2.81
C LYS A 109 17.67 0.52 3.46
N GLN A 110 17.38 0.36 4.76
CA GLN A 110 16.62 1.32 5.56
C GLN A 110 17.42 1.70 6.79
N ALA A 111 17.22 2.94 7.28
CA ALA A 111 17.90 3.46 8.48
C ALA A 111 17.38 2.76 9.75
N ASP A 112 16.11 2.35 9.76
CA ASP A 112 15.45 1.68 10.89
C ASP A 112 14.51 0.58 10.40
N TYR A 113 14.48 -0.55 11.13
CA TYR A 113 13.60 -1.67 10.83
C TYR A 113 12.46 -1.78 11.86
N PHE A 114 12.17 -0.65 12.54
CA PHE A 114 11.11 -0.45 13.53
C PHE A 114 11.22 -1.37 14.75
N GLU A 115 10.22 -2.24 15.01
CA GLU A 115 10.23 -3.18 16.14
C GLU A 115 10.93 -4.52 15.82
N THR A 116 11.67 -4.57 14.69
CA THR A 116 12.42 -5.76 14.27
C THR A 116 13.91 -5.42 14.06
N LYS A 117 14.75 -6.46 13.87
CA LYS A 117 16.19 -6.29 13.64
C LYS A 117 16.51 -6.14 12.15
N GLY A 118 15.58 -6.53 11.29
CA GLY A 118 15.73 -6.44 9.85
C GLY A 118 15.53 -7.73 9.08
N PRO A 119 15.93 -7.76 7.78
CA PRO A 119 15.72 -8.98 6.98
C PRO A 119 16.70 -10.13 7.28
N VAL A 120 16.16 -11.36 7.25
CA VAL A 120 16.90 -12.60 7.47
C VAL A 120 16.55 -13.54 6.31
N LEU A 121 17.57 -14.09 5.62
CA LEU A 121 17.36 -14.99 4.49
C LEU A 121 17.64 -16.44 4.85
N PHE A 122 16.73 -17.34 4.45
CA PHE A 122 16.83 -18.78 4.70
C PHE A 122 16.67 -19.54 3.39
N HIS A 123 17.67 -20.35 3.00
CA HIS A 123 17.62 -21.17 1.78
C HIS A 123 16.51 -22.23 1.93
N GLU A 124 16.33 -22.70 3.18
CA GLU A 124 15.31 -23.66 3.63
C GLU A 124 15.12 -23.50 5.14
N LEU A 125 13.90 -23.74 5.64
CA LEU A 125 13.58 -23.63 7.07
C LEU A 125 14.29 -24.72 7.89
N PRO A 126 14.82 -24.41 9.11
CA PRO A 126 15.50 -25.44 9.90
C PRO A 126 14.57 -26.53 10.46
N GLU A 127 15.18 -27.59 11.01
CA GLU A 127 14.49 -28.74 11.58
C GLU A 127 14.85 -28.97 13.07
N ASN A 128 13.89 -28.91 14.01
CA ASN A 128 12.47 -28.60 13.80
C ASN A 128 12.09 -27.33 14.55
N LEU A 129 11.38 -26.43 13.85
CA LEU A 129 10.93 -25.10 14.27
C LEU A 129 10.33 -24.99 15.66
N SER A 130 9.50 -25.98 16.07
CA SER A 130 8.82 -26.01 17.36
C SER A 130 9.74 -25.90 18.59
N ARG A 131 10.95 -26.47 18.51
CA ARG A 131 11.90 -26.45 19.62
C ARG A 131 13.11 -25.51 19.41
N ASN A 132 13.06 -24.67 18.36
CA ASN A 132 14.12 -23.71 18.06
C ASN A 132 13.83 -22.40 18.80
N LYS A 133 14.68 -22.08 19.80
CA LYS A 133 14.58 -20.87 20.63
C LYS A 133 14.75 -19.56 19.86
N LYS A 134 15.46 -19.61 18.71
CA LYS A 134 15.71 -18.44 17.86
C LYS A 134 14.47 -18.03 17.04
N PHE A 135 13.48 -18.94 16.92
CA PHE A 135 12.25 -18.70 16.16
C PHE A 135 11.07 -18.24 17.02
N SER A 136 10.15 -17.49 16.42
CA SER A 136 8.93 -16.99 17.06
C SER A 136 7.92 -18.12 17.22
N PHE A 137 7.03 -18.01 18.24
CA PHE A 137 5.99 -19.00 18.52
C PHE A 137 4.97 -19.16 17.38
N ILE A 138 4.76 -18.07 16.60
CA ILE A 138 3.84 -18.02 15.45
C ILE A 138 4.27 -18.95 14.30
N MET A 139 5.57 -19.33 14.29
CA MET A 139 6.18 -20.22 13.30
C MET A 139 6.19 -21.68 13.80
N LYS A 140 5.91 -21.89 15.10
CA LYS A 140 5.98 -23.18 15.78
C LYS A 140 4.73 -24.07 15.70
N ASP A 141 3.56 -23.49 15.38
CA ASP A 141 2.32 -24.28 15.26
C ASP A 141 2.10 -24.83 13.85
N SER A 142 0.90 -25.38 13.57
CA SER A 142 0.55 -25.96 12.28
C SER A 142 0.22 -24.97 11.15
N VAL A 143 0.06 -23.66 11.46
CA VAL A 143 -0.25 -22.63 10.46
C VAL A 143 0.79 -22.63 9.32
N LEU A 144 2.09 -22.62 9.67
CA LEU A 144 3.18 -22.64 8.71
C LEU A 144 3.28 -23.91 7.83
N PRO A 145 3.40 -25.17 8.36
CA PRO A 145 3.49 -26.34 7.47
C PRO A 145 2.31 -26.53 6.52
N ILE A 146 1.07 -26.26 6.98
CA ILE A 146 -0.14 -26.39 6.15
C ILE A 146 -0.16 -25.32 5.04
N SER A 147 0.20 -24.06 5.38
CA SER A 147 0.26 -22.95 4.42
C SER A 147 1.32 -23.19 3.34
N LEU A 148 2.51 -23.73 3.74
CA LEU A 148 3.62 -24.04 2.82
C LEU A 148 3.22 -25.16 1.86
N LYS A 149 2.47 -26.16 2.35
CA LYS A 149 1.97 -27.30 1.58
C LYS A 149 0.93 -26.84 0.55
N LYS A 150 0.17 -25.78 0.89
CA LYS A 150 -0.84 -25.20 0.00
C LYS A 150 -0.20 -24.34 -1.09
N LEU A 151 1.00 -23.79 -0.81
CA LEU A 151 1.77 -22.97 -1.75
C LEU A 151 2.37 -23.86 -2.84
N LYS A 152 2.81 -25.07 -2.47
CA LYS A 152 3.39 -26.07 -3.38
C LYS A 152 2.32 -26.63 -4.32
N GLU A 153 1.12 -26.94 -3.76
CA GLU A 153 -0.02 -27.50 -4.50
C GLU A 153 -0.65 -26.51 -5.48
N SER A 154 -0.56 -25.20 -5.19
CA SER A 154 -1.09 -24.13 -6.04
C SER A 154 -0.15 -23.78 -7.19
N GLY A 155 1.13 -24.13 -7.04
CA GLY A 155 2.17 -23.86 -8.03
C GLY A 155 2.76 -22.47 -7.91
N TRP A 156 2.63 -21.85 -6.72
CA TRP A 156 3.14 -20.51 -6.43
C TRP A 156 4.63 -20.52 -6.09
N ILE A 157 5.14 -21.66 -5.56
CA ILE A 157 6.56 -21.85 -5.23
C ILE A 157 7.16 -23.04 -5.98
N GLU A 158 8.39 -22.85 -6.51
CA GLU A 158 9.19 -23.83 -7.28
C GLU A 158 8.45 -24.40 -8.49
N MET B 1 -20.66 16.40 -17.33
CA MET B 1 -19.66 15.55 -16.70
C MET B 1 -19.13 14.43 -17.61
N TYR B 2 -18.14 13.65 -17.13
CA TYR B 2 -17.49 12.59 -17.90
C TYR B 2 -17.57 11.22 -17.24
N GLU B 3 -17.72 10.18 -18.07
CA GLU B 3 -17.81 8.78 -17.66
C GLU B 3 -16.84 7.94 -18.50
N PHE B 4 -16.05 7.10 -17.81
CA PHE B 4 -15.04 6.21 -18.40
C PHE B 4 -14.62 5.14 -17.39
N LYS B 5 -13.80 4.17 -17.84
CA LYS B 5 -13.28 3.09 -17.01
C LYS B 5 -11.81 3.35 -16.70
N ASP B 6 -11.38 3.11 -15.45
CA ASP B 6 -9.98 3.33 -15.04
C ASP B 6 -9.03 2.21 -15.51
N TYR B 7 -7.77 2.22 -14.98
CA TYR B 7 -6.74 1.22 -15.31
C TYR B 7 -7.11 -0.20 -14.85
N TYR B 8 -7.88 -0.32 -13.75
CA TYR B 8 -8.34 -1.62 -13.23
C TYR B 8 -9.79 -1.94 -13.60
N GLN B 9 -10.28 -1.31 -14.71
CA GLN B 9 -11.63 -1.46 -15.29
C GLN B 9 -12.81 -1.02 -14.40
N ASN B 10 -12.52 -0.28 -13.31
CA ASN B 10 -13.55 0.24 -12.40
C ASN B 10 -14.14 1.51 -13.01
N THR B 11 -15.46 1.64 -12.97
CA THR B 11 -16.20 2.78 -13.52
C THR B 11 -15.89 4.07 -12.76
N VAL B 12 -15.50 5.12 -13.50
CA VAL B 12 -15.15 6.43 -12.95
C VAL B 12 -16.08 7.51 -13.52
N GLN B 13 -16.61 8.36 -12.62
CA GLN B 13 -17.47 9.49 -12.95
C GLN B 13 -16.74 10.77 -12.55
N LEU B 14 -16.31 11.56 -13.53
CA LEU B 14 -15.55 12.80 -13.33
C LEU B 14 -16.40 14.05 -13.63
N SER B 15 -16.35 15.04 -12.74
CA SER B 15 -17.08 16.30 -12.87
C SER B 15 -16.23 17.49 -12.46
N PHE B 16 -16.40 18.63 -13.15
CA PHE B 16 -15.68 19.87 -12.88
C PHE B 16 -16.54 20.93 -12.17
N ASP B 17 -17.70 20.48 -11.65
CA ASP B 17 -18.63 21.29 -10.87
C ASP B 17 -18.17 21.30 -9.41
N ASP B 18 -18.71 22.24 -8.60
CA ASP B 18 -18.35 22.38 -7.18
C ASP B 18 -18.92 21.24 -6.30
N GLN B 19 -18.07 20.24 -6.01
CA GLN B 19 -18.33 19.04 -5.19
C GLN B 19 -19.72 18.38 -5.40
N PRO B 20 -19.97 17.72 -6.56
CA PRO B 20 -21.30 17.12 -6.77
C PRO B 20 -21.53 15.74 -6.16
N PHE B 21 -20.46 14.95 -5.94
CA PHE B 21 -20.57 13.60 -5.37
C PHE B 21 -20.59 13.58 -3.86
N SER B 22 -19.67 14.33 -3.20
CA SER B 22 -19.59 14.40 -1.74
C SER B 22 -19.08 15.75 -1.25
N ASP B 23 -19.62 16.23 -0.12
CA ASP B 23 -19.23 17.49 0.53
C ASP B 23 -17.96 17.28 1.37
N SER B 24 -17.69 16.03 1.77
CA SER B 24 -16.53 15.64 2.55
C SER B 24 -15.77 14.46 1.88
N PRO B 25 -14.90 14.73 0.87
CA PRO B 25 -14.17 13.63 0.21
C PRO B 25 -13.09 13.01 1.08
N LYS B 26 -12.81 11.71 0.87
CA LYS B 26 -11.82 10.96 1.64
C LYS B 26 -10.42 10.95 1.03
N HIS B 27 -10.30 11.32 -0.27
CA HIS B 27 -9.02 11.37 -0.97
C HIS B 27 -8.83 12.69 -1.73
N VAL B 28 -7.57 13.11 -1.89
CA VAL B 28 -7.18 14.32 -2.61
C VAL B 28 -6.09 14.02 -3.64
N TRP B 29 -6.09 14.78 -4.73
CA TRP B 29 -5.13 14.66 -5.82
C TRP B 29 -4.75 16.07 -6.23
N VAL B 30 -3.43 16.37 -6.29
CA VAL B 30 -2.95 17.72 -6.60
C VAL B 30 -2.06 17.79 -7.84
N ILE B 31 -2.56 18.43 -8.92
CA ILE B 31 -1.78 18.64 -10.14
C ILE B 31 -0.89 19.85 -9.86
N CYS B 32 0.43 19.63 -9.76
CA CYS B 32 1.40 20.66 -9.42
C CYS B 32 2.19 21.21 -10.59
N ARG B 33 2.34 22.54 -10.59
CA ARG B 33 3.09 23.27 -11.61
C ARG B 33 4.16 24.14 -10.93
N PHE B 34 5.44 23.88 -11.27
CA PHE B 34 6.58 24.63 -10.74
C PHE B 34 7.20 25.38 -11.92
N GLY B 35 6.71 26.58 -12.15
CA GLY B 35 7.10 27.43 -13.28
C GLY B 35 6.42 26.92 -14.53
N GLY B 36 7.23 26.40 -15.46
CA GLY B 36 6.74 25.83 -16.71
C GLY B 36 6.92 24.32 -16.75
N LYS B 37 7.02 23.69 -15.56
CA LYS B 37 7.22 22.24 -15.41
C LYS B 37 6.19 21.60 -14.48
N TRP B 38 5.89 20.32 -14.71
CA TRP B 38 4.99 19.53 -13.88
C TRP B 38 5.77 18.96 -12.70
N LEU B 39 5.28 19.22 -11.47
CA LEU B 39 5.91 18.71 -10.26
C LEU B 39 5.21 17.43 -9.81
N LEU B 40 5.95 16.33 -9.86
CA LEU B 40 5.47 15.00 -9.51
C LEU B 40 6.26 14.44 -8.33
N THR B 41 5.86 13.26 -7.86
CA THR B 41 6.54 12.54 -6.79
C THR B 41 6.68 11.07 -7.16
N GLU B 42 7.78 10.43 -6.76
CA GLU B 42 8.02 9.02 -7.06
C GLU B 42 7.60 8.15 -5.88
N HIS B 43 6.40 7.55 -5.97
CA HIS B 43 5.88 6.66 -4.94
C HIS B 43 6.61 5.31 -5.06
N GLU B 44 7.12 4.78 -3.94
CA GLU B 44 7.90 3.53 -3.87
C GLU B 44 7.23 2.28 -4.48
N ASP B 45 5.88 2.20 -4.41
CA ASP B 45 5.12 1.06 -4.95
C ASP B 45 4.47 1.38 -6.30
N ARG B 46 3.82 2.55 -6.41
CA ARG B 46 3.09 2.99 -7.60
C ARG B 46 3.94 3.55 -8.74
N GLY B 47 4.89 4.43 -8.42
CA GLY B 47 5.77 5.08 -9.39
C GLY B 47 5.53 6.58 -9.45
N TYR B 48 5.69 7.16 -10.66
CA TYR B 48 5.48 8.61 -10.87
C TYR B 48 4.00 8.96 -10.81
N GLU B 49 3.66 9.95 -9.96
CA GLU B 49 2.30 10.46 -9.76
C GLU B 49 2.32 11.86 -9.16
N PHE B 50 1.21 12.59 -9.35
CA PHE B 50 1.03 13.91 -8.78
C PHE B 50 0.77 13.75 -7.27
N PRO B 51 1.21 14.70 -6.40
CA PRO B 51 0.99 14.50 -4.95
C PRO B 51 -0.47 14.33 -4.55
N GLY B 52 -0.68 13.49 -3.53
CA GLY B 52 -2.01 13.20 -3.01
C GLY B 52 -2.01 12.13 -1.93
N GLY B 53 -3.20 11.81 -1.46
CA GLY B 53 -3.40 10.80 -0.42
C GLY B 53 -4.74 10.91 0.28
N LYS B 54 -4.84 10.25 1.45
CA LYS B 54 -6.05 10.21 2.27
C LYS B 54 -6.25 11.49 3.10
N VAL B 55 -7.51 11.89 3.28
CA VAL B 55 -7.90 13.08 4.05
C VAL B 55 -8.13 12.68 5.51
N GLU B 56 -7.45 13.37 6.45
CA GLU B 56 -7.56 13.12 7.88
C GLU B 56 -8.90 13.64 8.47
N PRO B 57 -9.41 13.06 9.59
CA PRO B 57 -10.72 13.50 10.13
C PRO B 57 -10.91 14.97 10.51
N MET B 58 -9.90 15.60 11.10
CA MET B 58 -9.95 17.00 11.58
C MET B 58 -9.58 18.08 10.56
N GLU B 59 -8.85 17.72 9.48
CA GLU B 59 -8.46 18.68 8.44
C GLU B 59 -9.41 18.61 7.24
N CYS B 60 -9.63 19.75 6.57
CA CYS B 60 -10.48 19.84 5.39
C CYS B 60 -9.70 19.37 4.14
N ALA B 61 -10.39 19.17 3.00
CA ALA B 61 -9.78 18.72 1.74
C ALA B 61 -8.67 19.65 1.23
N GLU B 62 -8.81 20.98 1.44
CA GLU B 62 -7.82 21.98 1.04
C GLU B 62 -6.55 21.90 1.89
N GLU B 63 -6.71 21.69 3.22
CA GLU B 63 -5.59 21.56 4.16
C GLU B 63 -4.82 20.26 3.92
N ALA B 64 -5.55 19.18 3.56
CA ALA B 64 -4.98 17.86 3.25
C ALA B 64 -4.19 17.91 1.95
N ALA B 65 -4.62 18.75 0.99
CA ALA B 65 -3.98 18.97 -0.30
C ALA B 65 -2.61 19.66 -0.10
N LEU B 66 -2.57 20.72 0.74
CA LEU B 66 -1.38 21.49 1.07
C LEU B 66 -0.35 20.63 1.82
N ARG B 67 -0.82 19.78 2.75
CA ARG B 67 -0.01 18.89 3.56
C ARG B 67 0.67 17.80 2.72
N GLU B 68 -0.09 17.13 1.82
CA GLU B 68 0.42 16.07 0.95
C GLU B 68 1.46 16.53 -0.07
N VAL B 69 1.37 17.80 -0.53
CA VAL B 69 2.33 18.38 -1.48
C VAL B 69 3.68 18.56 -0.78
N LYS B 70 3.68 19.18 0.42
CA LYS B 70 4.87 19.43 1.24
C LYS B 70 5.54 18.13 1.69
N GLU B 71 4.74 17.13 2.09
CA GLU B 71 5.25 15.84 2.56
C GLU B 71 5.87 14.98 1.45
N GLU B 72 5.33 15.05 0.22
CA GLU B 72 5.81 14.24 -0.89
C GLU B 72 6.83 14.89 -1.83
N THR B 73 6.85 16.24 -1.91
CA THR B 73 7.78 16.96 -2.78
C THR B 73 8.67 17.99 -2.05
N GLY B 74 8.30 18.35 -0.83
CA GLY B 74 9.02 19.35 -0.03
C GLY B 74 8.84 20.74 -0.58
N ALA B 75 7.72 20.96 -1.30
CA ALA B 75 7.37 22.20 -1.98
C ALA B 75 6.47 23.12 -1.19
N ARG B 76 6.68 24.44 -1.38
CA ARG B 76 5.87 25.50 -0.78
C ARG B 76 4.89 25.98 -1.84
N VAL B 77 3.58 25.82 -1.57
CA VAL B 77 2.50 26.17 -2.48
C VAL B 77 2.28 27.70 -2.50
N LYS B 78 2.25 28.28 -3.71
CA LYS B 78 2.01 29.71 -3.93
C LYS B 78 0.50 29.97 -3.98
N SER B 79 -0.24 29.11 -4.70
CA SER B 79 -1.70 29.19 -4.87
C SER B 79 -2.29 27.79 -5.03
N LEU B 80 -3.41 27.51 -4.34
CA LEU B 80 -4.12 26.23 -4.40
C LEU B 80 -5.56 26.49 -4.84
N LYS B 81 -5.97 25.86 -5.96
CA LYS B 81 -7.32 26.05 -6.52
C LYS B 81 -8.03 24.72 -6.76
N TYR B 82 -9.33 24.67 -6.44
CA TYR B 82 -10.18 23.50 -6.67
C TYR B 82 -10.43 23.39 -8.17
N LEU B 83 -10.26 22.18 -8.73
CA LEU B 83 -10.46 21.92 -10.15
C LEU B 83 -11.73 21.10 -10.40
N GLY B 84 -11.84 19.96 -9.72
CA GLY B 84 -12.98 19.07 -9.85
C GLY B 84 -13.01 17.96 -8.83
N GLN B 85 -13.88 16.97 -9.08
CA GLN B 85 -14.09 15.82 -8.21
C GLN B 85 -14.43 14.59 -9.04
N TYR B 86 -13.93 13.42 -8.62
CA TYR B 86 -14.24 12.15 -9.30
C TYR B 86 -14.58 11.01 -8.36
N LYS B 87 -15.59 10.20 -8.76
CA LYS B 87 -16.09 9.07 -8.00
C LYS B 87 -15.71 7.76 -8.69
N VAL B 88 -15.03 6.86 -7.97
CA VAL B 88 -14.65 5.54 -8.48
C VAL B 88 -15.56 4.54 -7.78
N LEU B 89 -16.41 3.85 -8.57
CA LEU B 89 -17.39 2.89 -8.05
C LEU B 89 -16.78 1.63 -7.45
N GLY B 90 -15.93 0.94 -8.22
CA GLY B 90 -15.25 -0.28 -7.79
C GLY B 90 -16.16 -1.46 -7.56
N VAL B 94 -17.90 2.91 -2.44
CA VAL B 94 -17.49 3.93 -3.40
C VAL B 94 -16.45 4.89 -2.81
N ILE B 95 -15.52 5.39 -3.65
CA ILE B 95 -14.47 6.33 -3.24
C ILE B 95 -14.54 7.65 -4.00
N VAL B 96 -14.61 8.76 -3.26
CA VAL B 96 -14.71 10.12 -3.81
C VAL B 96 -13.34 10.82 -3.68
N LYS B 97 -12.79 11.30 -4.82
CA LYS B 97 -11.49 11.97 -4.86
C LYS B 97 -11.59 13.39 -5.39
N ASN B 98 -11.07 14.36 -4.62
CA ASN B 98 -11.03 15.78 -4.98
C ASN B 98 -9.76 16.12 -5.76
N ILE B 99 -9.88 16.87 -6.87
CA ILE B 99 -8.74 17.29 -7.69
C ILE B 99 -8.46 18.77 -7.46
N TYR B 100 -7.20 19.09 -7.19
CA TYR B 100 -6.72 20.44 -6.95
C TYR B 100 -5.57 20.78 -7.89
N PHE B 101 -5.39 22.08 -8.16
CA PHE B 101 -4.28 22.58 -8.95
C PHE B 101 -3.44 23.46 -8.04
N ALA B 102 -2.13 23.25 -8.04
CA ALA B 102 -1.25 24.05 -7.20
C ALA B 102 -0.10 24.66 -7.97
N ASP B 103 0.03 25.99 -7.86
CA ASP B 103 1.13 26.74 -8.45
C ASP B 103 2.19 26.74 -7.36
N ILE B 104 3.37 26.18 -7.66
CA ILE B 104 4.45 26.04 -6.70
C ILE B 104 5.40 27.23 -6.71
N GLU B 105 5.62 27.83 -5.52
CA GLU B 105 6.51 28.97 -5.30
C GLU B 105 7.98 28.50 -5.31
N LYS B 106 8.31 27.50 -4.47
CA LYS B 106 9.65 26.95 -4.33
C LYS B 106 9.71 25.51 -3.82
N LEU B 107 10.84 24.83 -4.05
CA LEU B 107 11.12 23.45 -3.64
C LEU B 107 12.20 23.49 -2.56
N GLU B 108 11.84 23.12 -1.32
CA GLU B 108 12.75 23.16 -0.18
C GLU B 108 13.27 21.78 0.24
N LYS B 109 14.43 21.77 0.92
CA LYS B 109 15.12 20.58 1.42
C LYS B 109 14.29 19.85 2.48
N GLN B 110 14.29 18.50 2.44
CA GLN B 110 13.54 17.66 3.37
C GLN B 110 14.28 16.36 3.67
N ALA B 111 14.20 15.89 4.93
CA ALA B 111 14.84 14.67 5.39
C ALA B 111 14.12 13.42 4.89
N PHE B 114 9.24 9.81 4.12
CA PHE B 114 7.85 9.52 3.79
C PHE B 114 7.70 8.34 2.81
N GLU B 115 6.47 8.08 2.31
CA GLU B 115 6.15 7.00 1.39
C GLU B 115 6.73 7.19 -0.04
N THR B 116 7.25 8.40 -0.34
CA THR B 116 7.80 8.75 -1.64
C THR B 116 9.32 8.99 -1.62
N LYS B 117 9.94 9.07 -2.82
CA LYS B 117 11.37 9.32 -3.01
C LYS B 117 11.71 10.81 -3.02
N GLY B 118 10.70 11.66 -3.21
CA GLY B 118 10.86 13.11 -3.23
C GLY B 118 10.34 13.78 -4.48
N PRO B 119 10.78 15.03 -4.78
CA PRO B 119 10.27 15.74 -5.96
C PRO B 119 10.85 15.28 -7.29
N VAL B 120 10.00 15.20 -8.33
CA VAL B 120 10.36 14.84 -9.69
C VAL B 120 9.79 15.93 -10.63
N LEU B 121 10.62 16.49 -11.51
CA LEU B 121 10.20 17.54 -12.43
C LEU B 121 10.14 17.07 -13.88
N PHE B 122 8.99 17.28 -14.53
CA PHE B 122 8.74 16.92 -15.93
C PHE B 122 8.39 18.19 -16.71
N HIS B 123 9.16 18.52 -17.76
CA HIS B 123 8.89 19.68 -18.60
C HIS B 123 7.59 19.45 -19.38
N GLU B 124 7.44 18.22 -19.90
CA GLU B 124 6.28 17.75 -20.64
C GLU B 124 6.03 16.29 -20.22
N LEU B 125 4.76 15.94 -19.99
CA LEU B 125 4.39 14.56 -19.61
C LEU B 125 4.52 13.63 -20.83
N PRO B 126 5.10 12.41 -20.65
CA PRO B 126 5.28 11.51 -21.82
C PRO B 126 4.01 11.11 -22.55
N GLU B 127 4.13 10.82 -23.86
CA GLU B 127 3.02 10.41 -24.73
C GLU B 127 2.39 9.09 -24.27
N ASN B 128 3.22 8.09 -23.91
CA ASN B 128 2.78 6.80 -23.40
C ASN B 128 2.66 6.95 -21.90
N LEU B 129 1.42 7.01 -21.39
CA LEU B 129 1.16 7.17 -19.97
C LEU B 129 0.48 5.94 -19.39
N SER B 130 -0.60 5.47 -20.05
CA SER B 130 -1.34 4.27 -19.66
C SER B 130 -0.49 3.02 -19.84
N ARG B 131 0.43 3.06 -20.83
CA ARG B 131 1.36 1.99 -21.17
C ARG B 131 2.81 2.34 -20.77
N ASN B 132 2.97 2.93 -19.57
CA ASN B 132 4.26 3.31 -18.99
C ASN B 132 4.37 2.72 -17.59
N LYS B 133 5.25 1.70 -17.42
CA LYS B 133 5.47 0.99 -16.16
C LYS B 133 5.95 1.89 -15.01
N LYS B 134 6.75 2.91 -15.33
CA LYS B 134 7.32 3.86 -14.37
C LYS B 134 6.28 4.79 -13.72
N PHE B 135 5.09 4.94 -14.34
CA PHE B 135 4.00 5.79 -13.84
C PHE B 135 2.97 5.01 -13.03
N SER B 136 2.26 5.72 -12.13
CA SER B 136 1.21 5.17 -11.27
C SER B 136 -0.11 4.97 -12.04
N PHE B 137 -0.97 4.04 -11.56
CA PHE B 137 -2.27 3.74 -12.17
C PHE B 137 -3.25 4.91 -12.15
N ILE B 138 -3.10 5.82 -11.15
CA ILE B 138 -3.90 7.04 -10.96
C ILE B 138 -3.71 7.99 -12.16
N MET B 139 -2.50 7.94 -12.77
CA MET B 139 -2.10 8.74 -13.94
C MET B 139 -2.48 8.06 -15.26
N LYS B 140 -2.81 6.75 -15.21
CA LYS B 140 -3.12 5.92 -16.37
C LYS B 140 -4.53 6.01 -16.97
N ASP B 141 -5.51 6.53 -16.21
CA ASP B 141 -6.89 6.67 -16.71
C ASP B 141 -7.14 8.02 -17.41
N SER B 142 -8.40 8.30 -17.80
CA SER B 142 -8.79 9.54 -18.46
C SER B 142 -8.90 10.76 -17.53
N VAL B 143 -8.81 10.56 -16.19
CA VAL B 143 -8.87 11.65 -15.20
C VAL B 143 -7.84 12.75 -15.54
N LEU B 144 -6.57 12.36 -15.74
CA LEU B 144 -5.50 13.30 -16.07
C LEU B 144 -5.64 14.04 -17.42
N PRO B 145 -5.76 13.37 -18.61
CA PRO B 145 -5.87 14.15 -19.87
C PRO B 145 -7.06 15.12 -19.94
N ILE B 146 -8.19 14.77 -19.28
CA ILE B 146 -9.38 15.63 -19.23
C ILE B 146 -9.09 16.84 -18.32
N SER B 147 -8.48 16.60 -17.15
CA SER B 147 -8.12 17.63 -16.19
C SER B 147 -7.08 18.61 -16.75
N LEU B 148 -6.06 18.09 -17.47
CA LEU B 148 -4.99 18.90 -18.10
C LEU B 148 -5.53 19.87 -19.14
N LYS B 149 -6.49 19.42 -19.97
CA LYS B 149 -7.09 20.28 -20.99
C LYS B 149 -8.14 21.22 -20.41
N LYS B 150 -8.67 20.89 -19.21
CA LYS B 150 -9.60 21.75 -18.48
C LYS B 150 -8.77 22.91 -17.87
N LEU B 151 -7.52 22.60 -17.44
CA LEU B 151 -6.57 23.58 -16.91
C LEU B 151 -6.15 24.57 -17.98
N LYS B 152 -5.96 24.07 -19.22
CA LYS B 152 -5.57 24.85 -20.41
C LYS B 152 -6.68 25.82 -20.81
N GLU B 153 -7.95 25.35 -20.80
CA GLU B 153 -9.14 26.14 -21.16
C GLU B 153 -9.47 27.21 -20.11
N SER B 154 -9.19 26.93 -18.83
CA SER B 154 -9.44 27.86 -17.72
C SER B 154 -8.41 29.01 -17.71
N GLY B 155 -7.19 28.73 -18.14
CA GLY B 155 -6.09 29.69 -18.20
C GLY B 155 -5.21 29.70 -16.97
N TRP B 156 -5.11 28.58 -16.26
CA TRP B 156 -4.28 28.46 -15.06
C TRP B 156 -2.85 28.02 -15.38
N ILE B 157 -2.66 27.35 -16.54
CA ILE B 157 -1.36 26.87 -17.01
C ILE B 157 -0.90 27.61 -18.27
PG GCP C 1 3.27 -3.89 14.31
O1G GCP C 1 4.23 -3.35 15.34
O2G GCP C 1 2.62 -2.81 13.48
O3G GCP C 1 3.82 -5.03 13.49
C3B GCP C 1 1.90 -4.62 15.26
PB GCP C 1 2.42 -6.01 16.30
O1B GCP C 1 1.26 -6.36 17.20
O2B GCP C 1 2.97 -7.10 15.41
O3A GCP C 1 3.61 -5.49 17.25
PA GCP C 1 4.38 -6.45 18.30
O1A GCP C 1 5.43 -5.63 19.01
O2A GCP C 1 3.36 -7.22 19.11
O5' GCP C 1 5.15 -7.49 17.34
O3' GCP C 1 -0.55 -9.79 19.72
MG MG D . 4.70 -6.76 13.17
MG MG E . 5.66 -4.25 12.12
N1 EPE F . 21.08 -18.29 8.33
C2 EPE F . 20.55 -18.49 9.71
C3 EPE F . 20.31 -17.13 10.36
N4 EPE F . 21.43 -16.19 10.17
C5 EPE F . 22.27 -16.24 8.98
C6 EPE F . 22.40 -17.64 8.35
C7 EPE F . 21.78 -15.28 11.25
C8 EPE F . 21.13 -13.91 11.13
O8 EPE F . 20.75 -13.45 12.41
C9 EPE F . 21.17 -19.57 7.62
C10 EPE F . 20.13 -19.58 6.50
S EPE F . 20.64 -20.35 4.95
O1S EPE F . 22.09 -20.52 4.89
O2S EPE F . 19.99 -21.66 4.81
O3S EPE F . 20.22 -19.50 3.83
MG MG G . 0.57 10.69 1.15
#